data_6ESN
#
_entry.id   6ESN
#
_cell.length_a   62.250
_cell.length_b   62.250
_cell.length_c   157.300
_cell.angle_alpha   90.00
_cell.angle_beta   90.00
_cell.angle_gamma   90.00
#
_symmetry.space_group_name_H-M   'P 41 21 2'
#
loop_
_entity.id
_entity.type
_entity.pdbx_description
1 polymer 'Nuclear receptor ROR-gamma'
2 polymer LYS-HIS-LYS-ILE-LEU-HIS-ARG-LEU-LEU-GLN-ASP-SER
3 non-polymer (2~{R})-2-acetamido-~{N}-[4-(5-cyano-3-fluoranyl-2-methoxy-phenyl)thiophen-2-yl]-2-(4-ethylsulfonylphenyl)ethanamide
4 non-polymer 'SODIUM ION'
5 water water
#
loop_
_entity_poly.entity_id
_entity_poly.type
_entity_poly.pdbx_seq_one_letter_code
_entity_poly.pdbx_strand_id
1 'polypeptide(L)'
;MHNHNHNHNHNHNGGENLYFQGASLTEIEHLVQSVCKSYRETCQLRLEDLLRQRSNIFSREEVTGYQRKSMWEMWERCAH
HLTEAIQYVVEFAKRLSGFMELCQNDQIVLLKAGAMEVVLVRMCRAYNADNRTVFFEGKYGGMELFRALGCSELISSIFD
FSHSLSALHFSEDEIALYTALVLINAHRPGLQEKRKVEQLQYNLELAFHHHLCKTHRQSILAKLPPKGKLRSLCSQHVER
LQIFQHLHPIVVQAAFPPLYKELFSGG
;
A
2 'polypeptide(L)' KHKILHRLLQDS C
#
# COMPACT_ATOMS: atom_id res chain seq x y z
N GLU A 16 -4.64 -27.48 3.61
CA GLU A 16 -5.03 -26.19 4.20
C GLU A 16 -5.72 -25.27 3.19
N ASN A 17 -5.15 -25.12 1.97
CA ASN A 17 -5.72 -24.27 0.92
C ASN A 17 -5.39 -24.79 -0.48
N LEU A 18 -6.38 -24.70 -1.41
CA LEU A 18 -6.25 -25.14 -2.79
C LEU A 18 -5.08 -24.42 -3.49
N TYR A 19 -4.88 -23.11 -3.20
CA TYR A 19 -3.83 -22.32 -3.85
C TYR A 19 -2.44 -22.54 -3.24
N PHE A 20 -2.32 -23.55 -2.34
CA PHE A 20 -1.04 -23.97 -1.76
C PHE A 20 -0.46 -25.14 -2.58
N GLN A 21 -1.19 -25.57 -3.62
CA GLN A 21 -0.82 -26.63 -4.57
C GLN A 21 -1.12 -26.09 -6.00
N GLY A 22 -0.75 -26.87 -7.03
CA GLY A 22 -0.96 -26.55 -8.44
C GLY A 22 -2.42 -26.35 -8.79
N ALA A 23 -2.77 -25.12 -9.23
CA ALA A 23 -4.15 -24.76 -9.59
C ALA A 23 -4.44 -24.95 -11.06
N SER A 24 -5.63 -25.50 -11.38
CA SER A 24 -6.13 -25.68 -12.74
C SER A 24 -6.56 -24.32 -13.32
N LEU A 25 -6.83 -24.23 -14.64
CA LEU A 25 -7.28 -22.95 -15.25
C LEU A 25 -8.59 -22.44 -14.61
N THR A 26 -9.57 -23.35 -14.40
CA THR A 26 -10.86 -22.98 -13.78
C THR A 26 -10.62 -22.43 -12.36
N GLU A 27 -9.69 -23.03 -11.63
CA GLU A 27 -9.33 -22.54 -10.29
C GLU A 27 -8.58 -21.18 -10.32
N ILE A 28 -7.82 -20.92 -11.41
CA ILE A 28 -7.13 -19.63 -11.58
C ILE A 28 -8.18 -18.55 -11.88
N GLU A 29 -9.17 -18.87 -12.72
CA GLU A 29 -10.30 -17.98 -13.04
C GLU A 29 -11.08 -17.57 -11.78
N HIS A 30 -11.31 -18.53 -10.85
N HIS A 30 -11.33 -18.51 -10.85
CA HIS A 30 -11.97 -18.35 -9.56
CA HIS A 30 -12.01 -18.20 -9.59
C HIS A 30 -11.15 -17.42 -8.64
C HIS A 30 -11.14 -17.25 -8.76
N LEU A 31 -9.81 -17.51 -8.72
CA LEU A 31 -8.85 -16.70 -7.95
C LEU A 31 -8.89 -15.24 -8.40
N VAL A 32 -8.98 -15.00 -9.72
CA VAL A 32 -9.13 -13.67 -10.28
C VAL A 32 -10.31 -12.98 -9.62
N GLN A 33 -11.50 -13.62 -9.69
CA GLN A 33 -12.76 -13.13 -9.15
C GLN A 33 -12.66 -12.83 -7.66
N SER A 34 -12.08 -13.75 -6.89
CA SER A 34 -11.88 -13.68 -5.47
C SER A 34 -10.99 -12.49 -5.06
N VAL A 35 -9.85 -12.32 -5.71
CA VAL A 35 -8.93 -11.23 -5.41
C VAL A 35 -9.60 -9.90 -5.73
N CYS A 36 -10.25 -9.80 -6.90
CA CYS A 36 -10.94 -8.56 -7.27
C CYS A 36 -12.05 -8.20 -6.28
N LYS A 37 -12.76 -9.22 -5.75
CA LYS A 37 -13.84 -8.99 -4.78
C LYS A 37 -13.27 -8.54 -3.43
N SER A 38 -12.20 -9.22 -2.93
CA SER A 38 -11.54 -8.87 -1.66
C SER A 38 -11.06 -7.41 -1.72
N TYR A 39 -10.48 -7.01 -2.88
CA TYR A 39 -10.05 -5.63 -3.09
C TYR A 39 -11.25 -4.64 -3.08
N ARG A 40 -12.32 -4.93 -3.88
CA ARG A 40 -13.55 -4.07 -3.94
C ARG A 40 -14.08 -3.80 -2.53
N GLU A 41 -14.09 -4.81 -1.68
CA GLU A 41 -14.58 -4.75 -0.29
C GLU A 41 -13.67 -4.01 0.70
N THR A 42 -12.38 -3.74 0.34
CA THR A 42 -11.40 -3.14 1.25
C THR A 42 -10.62 -1.97 0.59
N CYS A 43 -11.06 -1.46 -0.58
CA CYS A 43 -10.34 -0.43 -1.35
C CYS A 43 -10.26 0.95 -0.68
N GLN A 44 -10.94 1.14 0.48
CA GLN A 44 -10.99 2.35 1.35
C GLN A 44 -11.80 3.50 0.72
N LEU A 45 -11.31 4.09 -0.37
CA LEU A 45 -12.04 5.13 -1.09
C LEU A 45 -12.40 4.56 -2.46
N ARG A 46 -13.64 4.81 -2.93
CA ARG A 46 -14.12 4.35 -4.23
C ARG A 46 -13.46 5.21 -5.30
N LEU A 47 -13.04 4.61 -6.44
CA LEU A 47 -12.36 5.35 -7.52
C LEU A 47 -13.17 6.52 -8.05
N GLU A 48 -14.49 6.35 -8.24
CA GLU A 48 -15.41 7.40 -8.73
C GLU A 48 -15.41 8.62 -7.81
N ASP A 49 -15.33 8.41 -6.46
CA ASP A 49 -15.27 9.51 -5.48
C ASP A 49 -13.95 10.27 -5.62
N LEU A 50 -12.84 9.53 -5.77
CA LEU A 50 -11.52 10.12 -5.99
C LEU A 50 -11.48 10.87 -7.32
N LEU A 51 -12.04 10.29 -8.41
CA LEU A 51 -12.05 10.95 -9.71
C LEU A 51 -12.84 12.24 -9.70
N ARG A 52 -14.05 12.20 -9.12
CA ARG A 52 -14.95 13.34 -9.02
C ARG A 52 -14.33 14.50 -8.22
N GLN A 53 -13.55 14.21 -7.16
CA GLN A 53 -12.99 15.26 -6.32
C GLN A 53 -11.73 15.93 -6.89
N ARG A 54 -11.26 15.48 -8.07
CA ARG A 54 -10.08 16.04 -8.76
C ARG A 54 -10.18 17.55 -9.00
N SER A 55 -11.40 18.08 -9.15
CA SER A 55 -11.59 19.53 -9.36
C SER A 55 -11.57 20.32 -8.05
N ASN A 56 -11.58 19.63 -6.88
CA ASN A 56 -11.52 20.24 -5.54
C ASN A 56 -10.04 20.30 -5.11
N ILE A 57 -9.38 21.41 -5.48
CA ILE A 57 -7.95 21.65 -5.31
C ILE A 57 -7.67 22.70 -4.22
N PHE A 58 -6.67 22.44 -3.36
CA PHE A 58 -6.33 23.39 -2.30
C PHE A 58 -5.90 24.75 -2.88
N SER A 59 -6.40 25.84 -2.29
CA SER A 59 -6.06 27.22 -2.69
C SER A 59 -4.62 27.53 -2.25
N ARG A 60 -4.02 28.60 -2.81
CA ARG A 60 -2.68 29.08 -2.45
C ARG A 60 -2.64 29.39 -0.93
N GLU A 61 -3.77 29.92 -0.40
CA GLU A 61 -3.95 30.24 1.02
C GLU A 61 -3.94 28.94 1.84
N GLU A 62 -4.74 27.93 1.43
CA GLU A 62 -4.77 26.63 2.10
C GLU A 62 -3.37 25.96 2.07
N VAL A 63 -2.68 25.96 0.91
CA VAL A 63 -1.31 25.42 0.76
C VAL A 63 -0.38 26.09 1.79
N THR A 64 -0.36 27.45 1.83
CA THR A 64 0.43 28.24 2.79
C THR A 64 0.11 27.82 4.23
N GLY A 65 -1.17 27.56 4.53
CA GLY A 65 -1.61 27.07 5.84
C GLY A 65 -0.90 25.76 6.23
N TYR A 66 -0.85 24.79 5.30
CA TYR A 66 -0.13 23.53 5.54
C TYR A 66 1.37 23.71 5.71
N GLN A 67 1.96 24.66 4.94
CA GLN A 67 3.38 24.97 4.96
C GLN A 67 3.79 25.62 6.26
N ARG A 68 2.87 26.41 6.87
CA ARG A 68 3.09 27.06 8.17
C ARG A 68 2.91 26.10 9.37
N LYS A 69 2.29 24.89 9.17
CA LYS A 69 2.12 23.90 10.24
C LYS A 69 3.49 23.42 10.70
N SER A 70 3.64 23.06 11.99
CA SER A 70 4.92 22.59 12.47
C SER A 70 5.29 21.23 11.81
N MET A 71 6.59 20.87 11.85
CA MET A 71 7.08 19.61 11.28
C MET A 71 6.42 18.40 11.98
N TRP A 72 6.41 18.40 13.32
CA TRP A 72 5.83 17.32 14.09
C TRP A 72 4.31 17.16 13.89
N GLU A 73 3.57 18.27 13.76
CA GLU A 73 2.13 18.16 13.56
C GLU A 73 1.83 17.61 12.15
N MET A 74 2.64 17.98 11.13
CA MET A 74 2.46 17.42 9.79
C MET A 74 2.81 15.93 9.76
N TRP A 75 3.89 15.53 10.47
CA TRP A 75 4.34 14.13 10.56
C TRP A 75 3.25 13.28 11.22
N GLU A 76 2.68 13.80 12.31
CA GLU A 76 1.61 13.11 13.03
C GLU A 76 0.36 12.90 12.16
N ARG A 77 -0.05 13.95 11.40
CA ARG A 77 -1.24 13.85 10.52
C ARG A 77 -0.99 12.78 9.45
N CYS A 78 0.20 12.81 8.80
CA CYS A 78 0.53 11.83 7.76
C CYS A 78 0.61 10.42 8.30
N ALA A 79 1.19 10.22 9.50
CA ALA A 79 1.27 8.90 10.13
C ALA A 79 -0.15 8.35 10.38
N HIS A 80 -1.07 9.17 10.93
CA HIS A 80 -2.48 8.82 11.18
C HIS A 80 -3.15 8.36 9.85
N HIS A 81 -3.07 9.19 8.79
CA HIS A 81 -3.66 8.89 7.47
C HIS A 81 -3.06 7.62 6.88
N LEU A 82 -1.72 7.46 6.99
CA LEU A 82 -1.06 6.23 6.53
C LEU A 82 -1.53 5.03 7.33
N THR A 83 -1.74 5.18 8.66
CA THR A 83 -2.23 4.10 9.54
C THR A 83 -3.61 3.64 9.12
N GLU A 84 -4.51 4.60 8.82
CA GLU A 84 -5.88 4.35 8.33
C GLU A 84 -5.81 3.51 7.03
N ALA A 85 -4.97 3.93 6.06
CA ALA A 85 -4.81 3.19 4.79
C ALA A 85 -4.30 1.77 5.03
N ILE A 86 -3.34 1.60 5.97
CA ILE A 86 -2.75 0.32 6.34
C ILE A 86 -3.82 -0.62 6.93
N GLN A 87 -4.74 -0.10 7.76
CA GLN A 87 -5.85 -0.88 8.33
C GLN A 87 -6.70 -1.55 7.22
N TYR A 88 -6.95 -0.84 6.11
CA TYR A 88 -7.71 -1.39 4.99
C TYR A 88 -6.91 -2.50 4.27
N VAL A 89 -5.58 -2.35 4.22
CA VAL A 89 -4.68 -3.33 3.63
C VAL A 89 -4.67 -4.61 4.47
N VAL A 90 -4.68 -4.46 5.80
CA VAL A 90 -4.75 -5.63 6.72
C VAL A 90 -6.05 -6.41 6.44
N GLU A 91 -7.18 -5.69 6.26
CA GLU A 91 -8.47 -6.33 5.94
C GLU A 91 -8.42 -7.07 4.58
N PHE A 92 -7.84 -6.41 3.55
CA PHE A 92 -7.66 -6.98 2.21
C PHE A 92 -6.90 -8.31 2.33
N ALA A 93 -5.75 -8.27 3.04
CA ALA A 93 -4.89 -9.43 3.30
C ALA A 93 -5.73 -10.54 3.94
N LYS A 94 -6.53 -10.18 4.94
CA LYS A 94 -7.39 -11.11 5.68
C LYS A 94 -8.39 -11.82 4.79
N ARG A 95 -8.91 -11.14 3.76
CA ARG A 95 -9.89 -11.67 2.79
C ARG A 95 -9.24 -12.38 1.61
N LEU A 96 -7.91 -12.26 1.46
CA LEU A 96 -7.15 -12.82 0.36
C LEU A 96 -6.98 -14.33 0.52
N SER A 97 -7.39 -15.12 -0.52
CA SER A 97 -7.29 -16.59 -0.56
C SER A 97 -5.91 -17.09 -0.14
N GLY A 98 -5.89 -17.97 0.85
CA GLY A 98 -4.68 -18.56 1.39
C GLY A 98 -3.99 -17.79 2.51
N PHE A 99 -4.13 -16.45 2.54
CA PHE A 99 -3.44 -15.65 3.57
C PHE A 99 -3.72 -16.13 5.00
N MET A 100 -4.99 -16.29 5.40
CA MET A 100 -5.31 -16.73 6.77
C MET A 100 -4.93 -18.19 7.03
N GLU A 101 -4.51 -18.93 5.99
CA GLU A 101 -4.08 -20.32 6.15
C GLU A 101 -2.58 -20.41 6.41
N LEU A 102 -1.87 -19.29 6.25
CA LEU A 102 -0.44 -19.22 6.57
C LEU A 102 -0.34 -19.06 8.10
N CYS A 103 0.81 -19.37 8.70
CA CYS A 103 1.03 -19.23 10.15
C CYS A 103 1.11 -17.74 10.50
N GLN A 104 0.79 -17.39 11.76
CA GLN A 104 0.82 -16.00 12.25
C GLN A 104 2.18 -15.30 12.06
N ASN A 105 3.31 -16.02 12.19
CA ASN A 105 4.63 -15.43 11.95
C ASN A 105 4.67 -14.92 10.51
N ASP A 106 4.26 -15.77 9.55
CA ASP A 106 4.27 -15.46 8.12
C ASP A 106 3.32 -14.33 7.76
N GLN A 107 2.13 -14.34 8.35
CA GLN A 107 1.12 -13.29 8.21
C GLN A 107 1.70 -11.93 8.62
N ILE A 108 2.34 -11.88 9.80
CA ILE A 108 2.98 -10.68 10.32
C ILE A 108 4.19 -10.27 9.43
N VAL A 109 5.10 -11.21 9.05
CA VAL A 109 6.24 -10.91 8.17
C VAL A 109 5.75 -10.21 6.87
N LEU A 110 4.75 -10.83 6.20
CA LEU A 110 4.19 -10.34 4.95
C LEU A 110 3.57 -8.96 5.08
N LEU A 111 2.83 -8.72 6.17
CA LEU A 111 2.23 -7.41 6.41
C LEU A 111 3.24 -6.36 6.79
N LYS A 112 4.24 -6.70 7.63
CA LYS A 112 5.27 -5.75 8.03
C LYS A 112 6.06 -5.30 6.81
N ALA A 113 6.46 -6.24 5.95
CA ALA A 113 7.23 -5.86 4.77
C ALA A 113 6.35 -5.26 3.66
N GLY A 114 5.09 -5.67 3.57
CA GLY A 114 4.26 -5.34 2.42
C GLY A 114 3.15 -4.30 2.53
N ALA A 115 2.58 -4.07 3.73
CA ALA A 115 1.48 -3.12 3.89
C ALA A 115 1.75 -1.74 3.28
N MET A 116 2.92 -1.14 3.57
CA MET A 116 3.31 0.17 3.05
C MET A 116 3.37 0.15 1.53
N GLU A 117 3.96 -0.90 0.97
CA GLU A 117 4.10 -1.09 -0.49
C GLU A 117 2.72 -1.10 -1.16
N VAL A 118 1.75 -1.83 -0.59
CA VAL A 118 0.35 -1.90 -1.08
C VAL A 118 -0.29 -0.52 -1.03
N VAL A 119 -0.06 0.21 0.07
CA VAL A 119 -0.56 1.59 0.22
C VAL A 119 0.04 2.47 -0.90
N LEU A 120 1.37 2.38 -1.13
CA LEU A 120 2.03 3.16 -2.19
C LEU A 120 1.44 2.89 -3.58
N VAL A 121 1.14 1.61 -3.88
CA VAL A 121 0.51 1.23 -5.15
C VAL A 121 -0.94 1.80 -5.21
N ARG A 122 -1.72 1.60 -4.16
CA ARG A 122 -3.13 2.06 -4.07
C ARG A 122 -3.23 3.58 -4.29
N MET A 123 -2.27 4.35 -3.73
CA MET A 123 -2.19 5.82 -3.80
C MET A 123 -2.25 6.37 -5.23
N CYS A 124 -1.76 5.61 -6.26
CA CYS A 124 -1.81 6.09 -7.63
C CYS A 124 -3.26 6.43 -8.08
N ARG A 125 -4.29 5.75 -7.50
CA ARG A 125 -5.75 6.04 -7.76
C ARG A 125 -6.09 7.47 -7.29
N ALA A 126 -5.42 7.93 -6.21
CA ALA A 126 -5.64 9.24 -5.61
C ALA A 126 -4.76 10.32 -6.19
N TYR A 127 -3.94 9.94 -7.18
CA TYR A 127 -3.02 10.87 -7.79
C TYR A 127 -3.53 11.32 -9.15
N ASN A 128 -3.45 12.62 -9.40
CA ASN A 128 -3.87 13.20 -10.67
C ASN A 128 -2.62 13.59 -11.45
N ALA A 129 -2.30 12.80 -12.48
CA ALA A 129 -1.12 13.02 -13.31
C ALA A 129 -1.17 14.32 -14.13
N ASP A 130 -2.40 14.79 -14.46
CA ASP A 130 -2.64 16.05 -15.21
C ASP A 130 -2.08 17.30 -14.54
N ASN A 131 -2.13 17.38 -13.19
CA ASN A 131 -1.62 18.58 -12.51
C ASN A 131 -0.64 18.24 -11.38
N ARG A 132 -0.27 16.94 -11.26
CA ARG A 132 0.67 16.43 -10.25
C ARG A 132 0.16 16.68 -8.81
N THR A 133 -1.12 16.39 -8.56
CA THR A 133 -1.72 16.56 -7.23
C THR A 133 -2.18 15.23 -6.69
N VAL A 134 -2.28 15.13 -5.37
CA VAL A 134 -2.76 13.95 -4.67
C VAL A 134 -3.92 14.33 -3.69
N PHE A 135 -4.83 13.39 -3.47
CA PHE A 135 -5.93 13.56 -2.53
C PHE A 135 -5.42 13.45 -1.09
N PHE A 136 -5.50 14.58 -0.37
CA PHE A 136 -5.06 14.64 1.01
C PHE A 136 -6.01 15.57 1.77
N GLU A 137 -6.58 15.03 2.85
CA GLU A 137 -7.49 15.72 3.76
C GLU A 137 -8.60 16.53 3.07
N GLY A 138 -9.31 15.89 2.15
CA GLY A 138 -10.49 16.48 1.52
C GLY A 138 -10.32 17.16 0.18
N LYS A 139 -9.08 17.52 -0.20
CA LYS A 139 -8.82 18.19 -1.47
C LYS A 139 -7.52 17.67 -2.14
N TYR A 140 -7.24 18.10 -3.36
CA TYR A 140 -6.05 17.75 -4.10
C TYR A 140 -4.98 18.83 -3.92
N GLY A 141 -3.80 18.40 -3.52
CA GLY A 141 -2.66 19.29 -3.34
C GLY A 141 -1.41 18.69 -3.93
N GLY A 142 -0.49 19.56 -4.35
CA GLY A 142 0.79 19.15 -4.94
C GLY A 142 1.81 18.79 -3.87
N MET A 143 3.03 18.45 -4.26
CA MET A 143 4.04 18.09 -3.25
C MET A 143 4.41 19.27 -2.31
N GLU A 144 4.19 20.53 -2.75
CA GLU A 144 4.42 21.73 -1.93
C GLU A 144 3.57 21.74 -0.65
N LEU A 145 2.44 21.00 -0.65
CA LEU A 145 1.55 20.82 0.50
C LEU A 145 2.31 20.20 1.69
N PHE A 146 3.36 19.39 1.40
CA PHE A 146 4.08 18.65 2.43
C PHE A 146 5.47 19.24 2.80
N ARG A 147 5.72 20.50 2.41
CA ARG A 147 7.01 21.18 2.68
C ARG A 147 7.43 21.24 4.15
N ALA A 148 6.49 21.31 5.10
CA ALA A 148 6.79 21.36 6.53
C ALA A 148 7.44 20.07 7.07
N LEU A 149 7.20 18.92 6.39
CA LEU A 149 7.75 17.60 6.75
C LEU A 149 9.26 17.54 6.77
N GLY A 150 9.90 18.27 5.86
CA GLY A 150 11.36 18.29 5.76
C GLY A 150 11.94 16.95 5.34
N CYS A 151 11.33 16.35 4.27
CA CYS A 151 11.80 15.12 3.61
C CYS A 151 11.33 15.17 2.15
N SER A 152 11.63 16.32 1.48
CA SER A 152 11.22 16.63 0.09
C SER A 152 11.68 15.57 -0.93
N GLU A 153 12.83 14.90 -0.67
CA GLU A 153 13.38 13.84 -1.52
C GLU A 153 12.46 12.61 -1.48
N LEU A 154 11.98 12.24 -0.28
CA LEU A 154 11.05 11.12 -0.15
C LEU A 154 9.68 11.48 -0.77
N ILE A 155 9.13 12.68 -0.45
CA ILE A 155 7.84 13.18 -0.99
C ILE A 155 7.88 13.16 -2.54
N SER A 156 8.88 13.84 -3.14
CA SER A 156 9.02 13.86 -4.62
C SER A 156 9.17 12.46 -5.22
N SER A 157 9.89 11.54 -4.54
CA SER A 157 10.06 10.15 -4.98
C SER A 157 8.74 9.40 -4.90
N ILE A 158 7.88 9.74 -3.92
CA ILE A 158 6.56 9.08 -3.86
C ILE A 158 5.66 9.66 -4.97
N PHE A 159 5.73 10.97 -5.19
CA PHE A 159 4.99 11.66 -6.27
C PHE A 159 5.37 11.11 -7.66
N ASP A 160 6.67 10.92 -7.90
CA ASP A 160 7.22 10.37 -9.14
C ASP A 160 6.71 8.95 -9.37
N PHE A 161 6.69 8.12 -8.31
CA PHE A 161 6.20 6.74 -8.33
C PHE A 161 4.74 6.69 -8.72
N SER A 162 3.92 7.56 -8.06
CA SER A 162 2.49 7.69 -8.35
C SER A 162 2.33 8.17 -9.77
N HIS A 163 3.25 9.02 -10.24
CA HIS A 163 3.21 9.52 -11.61
C HIS A 163 3.44 8.37 -12.60
N SER A 164 4.46 7.52 -12.36
CA SER A 164 4.75 6.39 -13.27
C SER A 164 3.65 5.35 -13.30
N LEU A 165 3.03 5.05 -12.13
CA LEU A 165 1.92 4.09 -12.09
C LEU A 165 0.71 4.66 -12.82
N SER A 166 0.43 5.98 -12.66
CA SER A 166 -0.69 6.67 -13.32
C SER A 166 -0.60 6.58 -14.85
N ALA A 167 0.65 6.58 -15.40
CA ALA A 167 0.94 6.41 -16.83
C ALA A 167 0.49 5.04 -17.37
N LEU A 168 0.30 4.05 -16.48
CA LEU A 168 -0.14 2.70 -16.84
C LEU A 168 -1.65 2.57 -17.05
N HIS A 169 -2.45 3.55 -16.58
CA HIS A 169 -3.91 3.55 -16.68
C HIS A 169 -4.50 2.25 -16.09
N PHE A 170 -4.05 1.94 -14.88
CA PHE A 170 -4.48 0.75 -14.14
C PHE A 170 -5.96 0.73 -13.93
N SER A 171 -6.58 -0.43 -14.14
CA SER A 171 -7.98 -0.59 -13.80
C SER A 171 -7.97 -1.00 -12.32
N GLU A 172 -9.16 -0.96 -11.67
CA GLU A 172 -9.31 -1.41 -10.30
C GLU A 172 -8.96 -2.90 -10.18
N ASP A 173 -9.34 -3.70 -11.18
CA ASP A 173 -9.04 -5.15 -11.20
C ASP A 173 -7.52 -5.38 -11.28
N GLU A 174 -6.81 -4.57 -12.07
CA GLU A 174 -5.35 -4.66 -12.17
C GLU A 174 -4.68 -4.32 -10.84
N ILE A 175 -5.15 -3.24 -10.16
CA ILE A 175 -4.65 -2.88 -8.84
C ILE A 175 -4.90 -4.03 -7.84
N ALA A 176 -6.11 -4.63 -7.86
CA ALA A 176 -6.45 -5.73 -6.96
C ALA A 176 -5.41 -6.89 -7.10
N LEU A 177 -5.23 -7.36 -8.33
CA LEU A 177 -4.30 -8.47 -8.62
C LEU A 177 -2.83 -8.11 -8.38
N TYR A 178 -2.40 -6.91 -8.76
CA TYR A 178 -1.00 -6.49 -8.57
C TYR A 178 -0.64 -6.35 -7.08
N THR A 179 -1.51 -5.69 -6.28
CA THR A 179 -1.31 -5.54 -4.84
C THR A 179 -1.34 -6.86 -4.11
N ALA A 180 -2.12 -7.83 -4.59
CA ALA A 180 -2.15 -9.17 -3.95
C ALA A 180 -0.76 -9.79 -4.07
N LEU A 181 -0.10 -9.59 -5.24
CA LEU A 181 1.26 -10.07 -5.52
C LEU A 181 2.34 -9.31 -4.73
N VAL A 182 2.17 -7.99 -4.55
CA VAL A 182 3.07 -7.17 -3.76
C VAL A 182 3.12 -7.74 -2.34
N LEU A 183 1.94 -8.13 -1.79
CA LEU A 183 1.82 -8.67 -0.45
C LEU A 183 2.29 -10.14 -0.32
N ILE A 184 1.83 -11.04 -1.23
CA ILE A 184 2.24 -12.46 -1.21
C ILE A 184 3.59 -12.62 -1.91
N ASN A 185 4.67 -12.26 -1.18
CA ASN A 185 6.04 -12.25 -1.70
C ASN A 185 6.85 -13.28 -0.91
N ALA A 186 7.14 -14.44 -1.55
CA ALA A 186 7.89 -15.53 -0.92
C ALA A 186 9.35 -15.21 -0.68
N HIS A 187 9.84 -14.05 -1.12
CA HIS A 187 11.21 -13.64 -0.87
C HIS A 187 11.35 -12.76 0.39
N ARG A 188 10.25 -12.52 1.15
CA ARG A 188 10.39 -11.69 2.35
C ARG A 188 11.26 -12.39 3.38
N PRO A 189 12.30 -11.68 3.90
CA PRO A 189 13.15 -12.30 4.96
C PRO A 189 12.35 -12.68 6.20
N GLY A 190 12.53 -13.89 6.70
CA GLY A 190 11.88 -14.34 7.93
C GLY A 190 10.68 -15.23 7.80
N LEU A 191 10.31 -15.65 6.56
CA LEU A 191 9.19 -16.56 6.34
C LEU A 191 9.53 -17.98 6.77
N GLN A 192 8.65 -18.56 7.58
CA GLN A 192 8.77 -19.90 8.12
C GLN A 192 8.26 -20.97 7.13
N GLU A 193 7.09 -20.74 6.51
CA GLU A 193 6.55 -21.71 5.53
C GLU A 193 6.71 -21.13 4.10
N LYS A 194 7.97 -21.01 3.68
CA LYS A 194 8.39 -20.43 2.40
C LYS A 194 7.77 -21.09 1.14
N ARG A 195 7.76 -22.44 1.07
CA ARG A 195 7.20 -23.13 -0.09
C ARG A 195 5.70 -22.90 -0.24
N LYS A 196 4.97 -22.83 0.89
CA LYS A 196 3.53 -22.56 0.95
C LYS A 196 3.28 -21.16 0.32
N VAL A 197 4.10 -20.15 0.72
CA VAL A 197 4.02 -18.77 0.19
C VAL A 197 4.39 -18.75 -1.30
N GLU A 198 5.41 -19.53 -1.69
CA GLU A 198 5.85 -19.66 -3.09
C GLU A 198 4.71 -20.16 -3.96
N GLN A 199 3.97 -21.18 -3.46
CA GLN A 199 2.88 -21.71 -4.26
C GLN A 199 1.74 -20.71 -4.36
N LEU A 200 1.39 -20.09 -3.23
CA LEU A 200 0.36 -19.06 -3.24
C LEU A 200 0.72 -17.90 -4.20
N GLN A 201 2.01 -17.43 -4.19
CA GLN A 201 2.50 -16.35 -5.07
C GLN A 201 2.37 -16.74 -6.58
N TYR A 202 2.79 -17.96 -6.93
CA TYR A 202 2.73 -18.50 -8.29
C TYR A 202 1.28 -18.47 -8.82
N ASN A 203 0.31 -18.97 -8.02
CA ASN A 203 -1.11 -18.93 -8.41
C ASN A 203 -1.65 -17.51 -8.58
N LEU A 204 -1.20 -16.60 -7.70
CA LEU A 204 -1.59 -15.19 -7.81
C LEU A 204 -0.95 -14.54 -9.02
N GLU A 205 0.29 -14.94 -9.37
CA GLU A 205 0.99 -14.43 -10.60
C GLU A 205 0.18 -14.88 -11.85
N LEU A 206 -0.20 -16.17 -11.88
CA LEU A 206 -1.04 -16.78 -12.91
C LEU A 206 -2.38 -16.06 -13.00
N ALA A 207 -3.01 -15.75 -11.85
CA ALA A 207 -4.27 -15.01 -11.83
C ALA A 207 -4.09 -13.62 -12.48
N PHE A 208 -3.03 -12.88 -12.07
CA PHE A 208 -2.77 -11.55 -12.60
C PHE A 208 -2.52 -11.62 -14.12
N HIS A 209 -1.64 -12.53 -14.53
CA HIS A 209 -1.23 -12.66 -15.94
C HIS A 209 -2.37 -13.17 -16.81
N HIS A 210 -3.24 -14.05 -16.29
CA HIS A 210 -4.45 -14.52 -16.99
C HIS A 210 -5.38 -13.33 -17.28
N HIS A 211 -5.60 -12.47 -16.26
CA HIS A 211 -6.45 -11.31 -16.41
C HIS A 211 -5.86 -10.35 -17.47
N LEU A 212 -4.53 -10.14 -17.46
CA LEU A 212 -3.89 -9.27 -18.45
C LEU A 212 -3.99 -9.90 -19.86
N CYS A 213 -3.85 -11.23 -19.93
CA CYS A 213 -3.97 -11.95 -21.19
C CYS A 213 -5.39 -11.76 -21.75
N LYS A 214 -6.40 -12.04 -20.90
CA LYS A 214 -7.83 -11.96 -21.20
C LYS A 214 -8.31 -10.55 -21.56
N THR A 215 -7.64 -9.49 -21.09
CA THR A 215 -8.02 -8.09 -21.38
C THR A 215 -7.04 -7.38 -22.36
N HIS A 216 -6.12 -8.13 -23.00
CA HIS A 216 -5.09 -7.61 -23.93
C HIS A 216 -4.26 -6.50 -23.27
N ARG A 217 -3.77 -6.75 -22.06
CA ARG A 217 -2.99 -5.79 -21.28
C ARG A 217 -1.63 -6.35 -20.86
N GLN A 218 -1.10 -7.33 -21.61
CA GLN A 218 0.20 -7.94 -21.32
C GLN A 218 1.35 -6.98 -21.58
N SER A 219 1.10 -5.92 -22.39
CA SER A 219 2.08 -4.84 -22.67
C SER A 219 2.49 -4.13 -21.37
N ILE A 220 1.65 -4.17 -20.30
CA ILE A 220 2.01 -3.50 -19.05
C ILE A 220 3.10 -4.26 -18.25
N LEU A 221 3.27 -5.60 -18.46
CA LEU A 221 4.25 -6.43 -17.74
C LEU A 221 5.67 -5.84 -17.73
N ALA A 222 6.17 -5.41 -18.89
CA ALA A 222 7.51 -4.80 -18.96
C ALA A 222 7.54 -3.36 -18.41
N LYS A 223 6.38 -2.76 -18.14
CA LYS A 223 6.24 -1.38 -17.66
C LYS A 223 6.02 -1.22 -16.15
N LEU A 224 5.75 -2.33 -15.45
CA LEU A 224 5.53 -2.34 -14.00
C LEU A 224 6.85 -1.94 -13.30
N PRO A 225 6.83 -1.28 -12.13
CA PRO A 225 8.12 -0.86 -11.54
C PRO A 225 8.97 -2.05 -11.06
N PRO A 226 10.34 -1.94 -11.02
CA PRO A 226 11.13 -3.09 -10.52
C PRO A 226 10.83 -3.34 -9.04
N LYS A 227 10.94 -4.60 -8.53
CA LYS A 227 10.66 -4.88 -7.10
C LYS A 227 11.51 -4.01 -6.15
N GLY A 228 12.73 -3.70 -6.60
CA GLY A 228 13.66 -2.85 -5.89
C GLY A 228 13.16 -1.44 -5.67
N LYS A 229 12.25 -0.94 -6.54
CA LYS A 229 11.72 0.41 -6.41
C LYS A 229 10.82 0.56 -5.16
N LEU A 230 9.90 -0.40 -4.91
CA LEU A 230 9.03 -0.34 -3.74
C LEU A 230 9.82 -0.49 -2.44
N ARG A 231 10.88 -1.33 -2.48
CA ARG A 231 11.79 -1.55 -1.36
C ARG A 231 12.54 -0.26 -1.00
N SER A 232 13.08 0.48 -2.01
CA SER A 232 13.80 1.71 -1.78
C SER A 232 12.89 2.80 -1.16
N LEU A 233 11.66 2.93 -1.69
CA LEU A 233 10.69 3.90 -1.17
C LEU A 233 10.41 3.59 0.31
N CYS A 234 10.18 2.31 0.66
CA CYS A 234 9.93 1.89 2.03
C CYS A 234 11.11 2.10 2.98
N SER A 235 12.34 1.90 2.48
CA SER A 235 13.59 2.09 3.21
C SER A 235 13.79 3.58 3.50
N GLN A 236 13.57 4.43 2.49
CA GLN A 236 13.68 5.89 2.64
C GLN A 236 12.71 6.38 3.74
N HIS A 237 11.44 5.85 3.78
CA HIS A 237 10.42 6.18 4.78
C HIS A 237 10.91 5.84 6.19
N VAL A 238 11.39 4.62 6.37
CA VAL A 238 11.94 4.16 7.65
C VAL A 238 13.11 5.10 8.08
N GLU A 239 14.01 5.45 7.15
CA GLU A 239 15.13 6.37 7.40
C GLU A 239 14.69 7.79 7.79
N ARG A 240 13.72 8.38 7.05
CA ARG A 240 13.23 9.71 7.37
C ARG A 240 12.47 9.74 8.70
N LEU A 241 11.83 8.60 9.07
CA LEU A 241 11.12 8.46 10.35
C LEU A 241 12.16 8.46 11.49
N GLN A 242 13.29 7.77 11.32
CA GLN A 242 14.37 7.79 12.34
C GLN A 242 14.95 9.21 12.57
N ILE A 243 15.12 9.99 11.49
CA ILE A 243 15.61 11.37 11.61
C ILE A 243 14.57 12.20 12.40
N PHE A 244 13.26 12.03 12.11
CA PHE A 244 12.19 12.74 12.83
C PHE A 244 12.16 12.33 14.30
N GLN A 245 12.30 11.01 14.56
CA GLN A 245 12.31 10.42 15.88
C GLN A 245 13.40 10.99 16.78
N HIS A 246 14.57 11.34 16.21
CA HIS A 246 15.70 11.94 16.95
C HIS A 246 15.34 13.39 17.36
N LEU A 247 14.63 14.12 16.46
CA LEU A 247 14.19 15.51 16.67
C LEU A 247 12.98 15.63 17.59
N HIS A 248 12.02 14.69 17.49
CA HIS A 248 10.82 14.77 18.30
C HIS A 248 10.48 13.38 18.87
N PRO A 249 11.34 12.83 19.78
CA PRO A 249 11.08 11.48 20.32
C PRO A 249 9.79 11.32 21.12
N ILE A 250 9.40 12.37 21.84
CA ILE A 250 8.20 12.32 22.67
C ILE A 250 7.00 12.39 21.76
N VAL A 251 7.11 13.08 20.60
CA VAL A 251 6.00 13.13 19.65
C VAL A 251 5.70 11.73 19.15
N VAL A 252 6.74 10.96 18.80
CA VAL A 252 6.53 9.61 18.29
C VAL A 252 5.92 8.74 19.37
N GLN A 253 6.56 8.76 20.54
CA GLN A 253 6.15 7.97 21.69
C GLN A 253 4.73 8.31 22.19
N ALA A 254 4.37 9.60 22.22
CA ALA A 254 3.06 10.07 22.70
C ALA A 254 1.93 10.18 21.66
N ALA A 255 2.22 10.64 20.44
CA ALA A 255 1.17 10.92 19.45
C ALA A 255 1.18 10.12 18.12
N PHE A 256 2.16 9.25 17.89
CA PHE A 256 2.12 8.43 16.65
C PHE A 256 1.23 7.20 16.88
N PRO A 257 0.42 6.79 15.87
CA PRO A 257 -0.45 5.62 16.09
C PRO A 257 0.33 4.37 16.50
N PRO A 258 -0.15 3.56 17.46
CA PRO A 258 0.60 2.34 17.84
C PRO A 258 0.89 1.38 16.68
N LEU A 259 -0.07 1.19 15.74
CA LEU A 259 0.11 0.33 14.57
C LEU A 259 1.26 0.84 13.72
N TYR A 260 1.34 2.19 13.52
CA TYR A 260 2.42 2.83 12.76
C TYR A 260 3.79 2.50 13.37
N LYS A 261 3.91 2.60 14.70
CA LYS A 261 5.14 2.31 15.43
C LYS A 261 5.54 0.83 15.35
N GLU A 262 4.56 -0.09 15.47
CA GLU A 262 4.78 -1.52 15.36
C GLU A 262 5.40 -1.87 14.01
N LEU A 263 4.93 -1.19 12.93
CA LEU A 263 5.43 -1.47 11.60
C LEU A 263 6.74 -0.79 11.22
N PHE A 264 6.94 0.47 11.63
CA PHE A 264 8.06 1.25 11.13
C PHE A 264 9.12 1.68 12.17
N SER A 265 8.86 1.51 13.47
CA SER A 265 9.84 1.87 14.50
C SER A 265 9.98 0.80 15.58
N GLY A 266 9.81 -0.46 15.17
CA GLY A 266 9.93 -1.66 16.01
C GLY A 266 9.08 -1.75 17.26
N GLY A 267 7.96 -1.04 17.31
CA GLY A 267 7.04 -1.05 18.45
C GLY A 267 7.03 0.23 19.25
N LYS B 1 6.86 -1.35 22.57
CA LYS B 1 6.38 -2.72 22.69
C LYS B 1 4.88 -2.88 22.34
N HIS B 2 4.43 -2.23 21.23
CA HIS B 2 3.04 -2.30 20.73
C HIS B 2 2.82 -3.56 19.88
N LYS B 3 1.61 -4.17 19.98
CA LYS B 3 1.27 -5.40 19.25
C LYS B 3 -0.19 -5.44 18.76
N ILE B 4 -0.51 -4.47 17.88
CA ILE B 4 -1.82 -4.24 17.27
C ILE B 4 -2.12 -5.25 16.16
N LEU B 5 -1.06 -5.66 15.41
CA LEU B 5 -1.20 -6.59 14.31
C LEU B 5 -1.83 -7.92 14.67
N HIS B 6 -1.38 -8.55 15.76
CA HIS B 6 -1.93 -9.83 16.16
C HIS B 6 -3.39 -9.66 16.59
N ARG B 7 -3.74 -8.52 17.21
CA ARG B 7 -5.11 -8.20 17.63
C ARG B 7 -6.00 -8.09 16.36
N LEU B 8 -5.55 -7.31 15.37
CA LEU B 8 -6.24 -7.12 14.08
C LEU B 8 -6.44 -8.45 13.33
N LEU B 9 -5.40 -9.30 13.31
CA LEU B 9 -5.45 -10.61 12.65
C LEU B 9 -6.38 -11.57 13.38
N GLN B 10 -6.46 -11.48 14.72
CA GLN B 10 -7.29 -12.34 15.56
C GLN B 10 -8.76 -11.96 15.60
N ASP B 11 -9.06 -10.65 15.52
CA ASP B 11 -10.42 -10.12 15.58
C ASP B 11 -11.33 -10.54 14.40
N SER B 12 -12.48 -11.20 14.71
CA SER B 12 -13.47 -11.67 13.71
C SER B 12 -14.90 -11.53 14.24
#